data_6Z2V
#
_entry.id   6Z2V
#
_cell.length_a   84.376
_cell.length_b   45.393
_cell.length_c   106.334
_cell.angle_alpha   90.000
_cell.angle_beta   111.160
_cell.angle_gamma   90.000
#
_symmetry.space_group_name_H-M   'I 1 2 1'
#
loop_
_entity.id
_entity.type
_entity.pdbx_description
1 polymer 'Dual specificity protein kinase CLK3'
2 non-polymer "(4~{S})-7,8-bis(chloranyl)-9-methyl-1-oxidanylidene-spiro[2,4-dihydropyrido[3,4-b]indole-3,4'-piperidine]-4-carbonitrile"
3 non-polymer 'POTASSIUM ION'
4 non-polymer 1,2-ETHANEDIOL
5 water water
#
_entity_poly.entity_id   1
_entity_poly.type   'polypeptide(L)'
_entity_poly.pdbx_seq_one_letter_code
;SMQSSKRSSRSVEDDKEGHLVCRIGDWLQERYEIVGNLGEGTFGKVVECLDHARGKSQVALKIIRNVGKYREAARLEINV
LKKIKEKDKENKFLCVLMSDWFNFHGHMCIAFELLGKNTFEFLKENNFQPYPLPHVRHMAYQLCHALRFLHENQLTHTDL
KPENILFVNSEFETLYNEHKSCEEKSVKNTSIRVVDFGSATFDHEHHTTIVATRHYRPPEVILELGWAQPCDVWSIGCIL
FEYYRGFTLFQTHENREHLVMMEKILGPIPSHMIHRTRKQKYFYKGGLVWDENSSDGRYVKENCKPLKSYMLQDSLEHVQ
LFDLMRRMLEFDPAQRITLAEALLHPFFAGLTPEERSFHT
;
_entity_poly.pdbx_strand_id   A
#
loop_
_chem_comp.id
_chem_comp.type
_chem_comp.name
_chem_comp.formula
EDO non-polymer 1,2-ETHANEDIOL 'C2 H6 O2'
K non-polymer 'POTASSIUM ION' 'K 1'
KHC non-polymer (4~{S})-7,8-bis(chloranyl)-9-methyl-1-oxidanylidene-spiro[2,4-dihydropyrido[3,4-b]indole-3,4'-piperidine]-4-carbonitrile 'C17 H16 Cl2 N4 O'
#
# COMPACT_ATOMS: atom_id res chain seq x y z
N ARG A 10 5.26 -20.88 30.81
CA ARG A 10 4.75 -20.38 32.14
C ARG A 10 3.55 -19.45 31.86
N SER A 11 2.64 -19.31 32.85
CA SER A 11 1.38 -18.48 32.83
C SER A 11 1.64 -17.08 32.22
N VAL A 12 0.80 -16.68 31.25
CA VAL A 12 0.74 -15.32 30.68
C VAL A 12 -0.52 -14.66 31.21
N GLU A 13 -0.78 -13.42 30.81
CA GLU A 13 -1.84 -12.58 31.35
C GLU A 13 -2.13 -11.47 30.33
N ASP A 14 -3.37 -10.96 30.35
CA ASP A 14 -3.92 -9.94 29.44
C ASP A 14 -4.30 -8.74 30.27
N ASP A 15 -4.45 -7.60 29.63
CA ASP A 15 -4.80 -6.31 30.32
C ASP A 15 -6.32 -6.10 30.22
N LYS A 16 -6.82 -4.95 30.67
CA LYS A 16 -8.28 -4.67 30.77
C LYS A 16 -8.84 -4.54 29.34
N GLU A 17 -7.97 -4.46 28.33
CA GLU A 17 -8.29 -4.14 26.91
C GLU A 17 -8.03 -5.32 25.98
N GLY A 18 -7.54 -6.45 26.49
CA GLY A 18 -7.35 -7.67 25.69
C GLY A 18 -5.96 -7.76 25.08
N HIS A 19 -5.03 -6.90 25.48
CA HIS A 19 -3.62 -6.98 25.06
C HIS A 19 -2.88 -8.00 25.90
N LEU A 20 -2.10 -8.87 25.24
CA LEU A 20 -1.13 -9.73 25.93
C LEU A 20 -0.17 -8.82 26.73
N VAL A 21 -0.06 -9.07 28.03
CA VAL A 21 0.96 -8.45 28.91
C VAL A 21 2.28 -9.15 28.61
N CYS A 22 3.31 -8.36 28.22
CA CYS A 22 4.69 -8.78 27.82
C CYS A 22 5.55 -7.56 27.47
N ARG A 23 6.83 -7.62 27.82
CA ARG A 23 7.86 -6.60 27.51
C ARG A 23 9.04 -7.31 26.86
N ILE A 24 10.12 -6.58 26.57
CA ILE A 24 11.38 -7.16 26.03
C ILE A 24 11.97 -8.13 27.10
N GLY A 25 12.32 -9.37 26.72
CA GLY A 25 12.93 -10.39 27.63
C GLY A 25 12.03 -11.60 27.91
N ASP A 26 10.70 -11.45 27.63
CA ASP A 26 9.68 -12.56 27.65
C ASP A 26 9.86 -13.49 26.42
N TRP A 27 9.43 -14.76 26.59
CA TRP A 27 9.34 -15.80 25.54
C TRP A 27 7.88 -16.09 25.18
N LEU A 28 7.62 -16.58 23.97
CA LEU A 28 6.38 -17.31 23.65
C LEU A 28 6.73 -18.65 23.01
N GLN A 29 5.93 -19.69 23.27
CA GLN A 29 6.18 -21.03 22.72
C GLN A 29 7.56 -21.55 23.14
N GLU A 30 8.15 -21.00 24.20
CA GLU A 30 9.48 -21.43 24.67
C GLU A 30 10.41 -21.47 23.41
N ARG A 31 10.22 -20.54 22.47
CA ARG A 31 10.89 -20.53 21.13
C ARG A 31 11.29 -19.11 20.74
N TYR A 32 10.38 -18.16 20.81
CA TYR A 32 10.58 -16.78 20.34
C TYR A 32 10.95 -15.89 21.51
N GLU A 33 12.05 -15.16 21.42
CA GLU A 33 12.48 -14.18 22.44
C GLU A 33 12.25 -12.76 21.91
N ILE A 34 11.47 -11.95 22.61
CA ILE A 34 11.25 -10.50 22.29
C ILE A 34 12.51 -9.72 22.64
N VAL A 35 12.96 -8.89 21.71
CA VAL A 35 14.14 -8.02 21.90
C VAL A 35 13.90 -6.62 21.28
N GLY A 36 12.74 -6.37 20.64
CA GLY A 36 12.38 -5.03 20.17
C GLY A 36 10.89 -4.78 20.06
N ASN A 37 10.52 -3.50 20.12
N ASN A 37 10.44 -3.52 20.22
CA ASN A 37 9.21 -2.95 19.73
CA ASN A 37 9.12 -3.08 19.70
C ASN A 37 9.40 -2.37 18.32
C ASN A 37 9.39 -2.44 18.35
N LEU A 38 8.45 -2.62 17.40
CA LEU A 38 8.56 -2.23 15.96
C LEU A 38 7.32 -1.42 15.54
N GLY A 39 6.17 -1.68 16.19
CA GLY A 39 4.87 -1.06 15.89
C GLY A 39 3.85 -1.40 16.97
N GLU A 40 2.77 -0.61 17.03
CA GLU A 40 1.62 -0.86 17.93
C GLU A 40 0.31 -0.44 17.24
N GLY A 41 -0.85 -0.80 17.85
CA GLY A 41 -2.16 -0.25 17.49
C GLY A 41 -3.34 -0.87 18.25
N THR A 42 -4.53 -0.73 17.64
CA THR A 42 -5.83 -1.30 18.08
C THR A 42 -5.98 -2.73 17.55
N PHE A 43 -5.02 -3.22 16.77
CA PHE A 43 -4.90 -4.66 16.46
C PHE A 43 -4.08 -5.40 17.55
N GLY A 44 -3.18 -4.70 18.21
CA GLY A 44 -2.15 -5.35 19.04
C GLY A 44 -0.77 -4.77 18.76
N LYS A 45 0.25 -5.61 18.96
CA LYS A 45 1.66 -5.21 19.03
C LYS A 45 2.32 -5.82 17.84
N VAL A 46 3.37 -5.22 17.33
CA VAL A 46 4.34 -6.01 16.54
C VAL A 46 5.73 -5.86 17.18
N VAL A 47 6.33 -6.99 17.59
CA VAL A 47 7.62 -7.03 18.35
C VAL A 47 8.65 -7.82 17.57
N GLU A 48 9.90 -7.33 17.53
CA GLU A 48 11.11 -8.10 17.08
C GLU A 48 11.43 -9.26 18.04
N CYS A 49 11.74 -10.45 17.50
CA CYS A 49 12.10 -11.67 18.28
C CYS A 49 13.28 -12.42 17.65
N LEU A 50 13.89 -13.27 18.45
CA LEU A 50 14.85 -14.28 18.00
C LEU A 50 14.12 -15.62 17.90
N ASP A 51 14.24 -16.26 16.76
CA ASP A 51 13.65 -17.59 16.57
C ASP A 51 14.74 -18.52 17.05
N HIS A 52 14.70 -18.78 18.34
CA HIS A 52 15.66 -19.66 19.07
C HIS A 52 15.41 -21.10 18.67
N ALA A 53 14.74 -21.36 17.55
CA ALA A 53 14.68 -22.71 16.94
C ALA A 53 14.88 -22.57 15.44
N ARG A 54 15.50 -21.46 15.01
CA ARG A 54 16.15 -21.32 13.68
C ARG A 54 17.52 -20.56 13.86
N GLY A 55 18.36 -21.08 14.75
CA GLY A 55 19.55 -20.39 15.26
C GLY A 55 19.33 -18.89 15.42
N LYS A 56 18.38 -18.49 16.25
CA LYS A 56 18.24 -17.08 16.74
C LYS A 56 18.10 -16.10 15.55
N SER A 57 17.48 -16.49 14.44
CA SER A 57 17.27 -15.55 13.31
C SER A 57 16.12 -14.57 13.64
N GLN A 58 16.08 -13.47 12.92
CA GLN A 58 15.27 -12.28 13.29
C GLN A 58 13.89 -12.38 12.64
N VAL A 59 12.86 -12.06 13.41
CA VAL A 59 11.45 -12.13 12.98
C VAL A 59 10.75 -10.93 13.53
N ALA A 60 9.76 -10.48 12.79
CA ALA A 60 8.71 -9.56 13.27
C ALA A 60 7.53 -10.43 13.68
N LEU A 61 7.14 -10.38 14.96
CA LEU A 61 5.96 -11.13 15.46
C LEU A 61 4.77 -10.17 15.68
N LYS A 62 3.71 -10.38 14.93
CA LYS A 62 2.42 -9.70 15.05
C LYS A 62 1.61 -10.43 16.11
N ILE A 63 1.25 -9.72 17.18
CA ILE A 63 0.48 -10.26 18.33
C ILE A 63 -0.82 -9.50 18.43
N ILE A 64 -1.94 -10.21 18.31
CA ILE A 64 -3.28 -9.58 18.10
C ILE A 64 -4.08 -9.68 19.39
N ARG A 65 -4.89 -8.66 19.65
CA ARG A 65 -5.71 -8.62 20.88
C ARG A 65 -6.68 -9.82 20.90
N ASN A 66 -6.91 -10.30 22.09
CA ASN A 66 -7.95 -11.28 22.45
C ASN A 66 -9.32 -10.60 22.35
N VAL A 67 -9.80 -10.36 21.12
CA VAL A 67 -11.15 -9.78 20.85
C VAL A 67 -11.68 -10.39 19.57
N GLY A 68 -12.95 -10.82 19.62
CA GLY A 68 -13.68 -11.55 18.56
C GLY A 68 -13.33 -11.07 17.17
N LYS A 69 -13.52 -9.77 16.91
CA LYS A 69 -13.46 -9.18 15.55
C LYS A 69 -11.99 -9.09 15.07
N TYR A 70 -11.03 -8.69 15.92
CA TYR A 70 -9.59 -8.64 15.55
C TYR A 70 -9.08 -10.09 15.33
N ARG A 71 -9.56 -11.04 16.11
CA ARG A 71 -9.10 -12.44 15.98
C ARG A 71 -9.65 -13.06 14.67
N GLU A 72 -10.90 -12.78 14.27
CA GLU A 72 -11.52 -13.33 13.03
C GLU A 72 -10.91 -12.62 11.83
N ALA A 73 -10.56 -11.34 11.99
CA ALA A 73 -9.96 -10.50 10.92
C ALA A 73 -8.61 -11.13 10.50
N ALA A 74 -7.90 -11.70 11.49
CA ALA A 74 -6.54 -12.28 11.39
C ALA A 74 -6.56 -13.76 11.03
N ARG A 75 -7.63 -14.50 11.33
CA ARG A 75 -7.90 -15.80 10.64
C ARG A 75 -7.76 -15.62 9.13
N LEU A 76 -8.44 -14.64 8.56
CA LEU A 76 -8.40 -14.39 7.11
C LEU A 76 -7.02 -13.85 6.72
N GLU A 77 -6.42 -12.96 7.50
CA GLU A 77 -5.06 -12.45 7.18
C GLU A 77 -4.17 -13.67 6.91
N ILE A 78 -4.25 -14.67 7.78
CA ILE A 78 -3.42 -15.90 7.70
C ILE A 78 -3.83 -16.71 6.46
N ASN A 79 -5.12 -16.89 6.16
CA ASN A 79 -5.50 -17.64 4.92
C ASN A 79 -4.76 -17.03 3.73
N VAL A 80 -4.69 -15.70 3.68
CA VAL A 80 -4.14 -14.99 2.50
C VAL A 80 -2.63 -15.33 2.42
N LEU A 81 -1.97 -15.29 3.57
CA LEU A 81 -0.51 -15.48 3.65
C LEU A 81 -0.18 -16.93 3.22
N LYS A 82 -1.07 -17.85 3.56
CA LYS A 82 -0.94 -19.29 3.19
C LYS A 82 -1.03 -19.36 1.68
N LYS A 83 -2.09 -18.77 1.09
CA LYS A 83 -2.27 -18.88 -0.37
C LYS A 83 -0.98 -18.40 -1.03
N ILE A 84 -0.46 -17.26 -0.56
CA ILE A 84 0.76 -16.62 -1.13
C ILE A 84 1.93 -17.60 -1.05
N LYS A 85 2.21 -18.15 0.11
CA LYS A 85 3.36 -19.06 0.34
C LYS A 85 3.19 -20.30 -0.54
N GLU A 86 1.95 -20.66 -0.81
CA GLU A 86 1.60 -21.85 -1.59
C GLU A 86 2.01 -21.60 -3.05
N LYS A 87 1.73 -20.38 -3.52
CA LYS A 87 1.90 -19.93 -4.92
C LYS A 87 3.32 -19.45 -5.22
N ASP A 88 4.04 -18.90 -4.25
CA ASP A 88 5.35 -18.27 -4.50
C ASP A 88 6.40 -19.14 -3.80
N LYS A 89 6.58 -20.33 -4.35
CA LYS A 89 7.52 -21.37 -3.85
C LYS A 89 8.95 -20.94 -4.12
N GLU A 90 9.22 -20.42 -5.33
CA GLU A 90 10.59 -19.98 -5.74
C GLU A 90 10.93 -18.70 -4.97
N ASN A 91 9.95 -18.13 -4.21
CA ASN A 91 10.06 -16.95 -3.27
C ASN A 91 10.25 -15.62 -4.05
N LYS A 92 9.68 -15.49 -5.27
CA LYS A 92 10.09 -14.51 -6.34
C LYS A 92 9.07 -13.36 -6.47
N PHE A 93 7.99 -13.34 -5.69
CA PHE A 93 6.85 -12.46 -6.02
C PHE A 93 6.73 -11.34 -4.99
N LEU A 94 7.76 -11.11 -4.16
CA LEU A 94 8.03 -9.85 -3.42
C LEU A 94 6.94 -9.56 -2.37
N CYS A 95 6.14 -10.55 -2.02
CA CYS A 95 5.15 -10.44 -0.95
C CYS A 95 5.80 -11.02 0.25
N VAL A 96 5.56 -10.43 1.39
CA VAL A 96 6.22 -10.84 2.63
C VAL A 96 5.88 -12.31 2.94
N LEU A 97 6.95 -13.10 3.06
CA LEU A 97 6.98 -14.51 3.53
C LEU A 97 6.50 -14.51 4.99
N MET A 98 5.57 -15.37 5.34
CA MET A 98 5.20 -15.65 6.73
C MET A 98 5.91 -16.93 7.13
N SER A 99 6.64 -16.92 8.21
CA SER A 99 7.44 -18.11 8.63
C SER A 99 6.64 -18.99 9.58
N ASP A 100 5.64 -18.49 10.26
CA ASP A 100 4.98 -19.23 11.38
C ASP A 100 3.66 -18.55 11.68
N TRP A 101 2.77 -19.22 12.39
CA TRP A 101 1.56 -18.57 12.98
C TRP A 101 0.85 -19.50 13.96
N PHE A 102 0.42 -18.98 15.12
CA PHE A 102 -0.24 -19.78 16.20
C PHE A 102 -1.27 -18.95 16.93
N ASN A 103 -2.24 -19.63 17.55
CA ASN A 103 -3.20 -19.03 18.51
C ASN A 103 -2.54 -19.13 19.87
N PHE A 104 -2.00 -18.03 20.40
CA PHE A 104 -1.41 -17.96 21.77
C PHE A 104 -2.45 -17.42 22.76
N HIS A 105 -3.18 -18.35 23.40
CA HIS A 105 -4.10 -18.09 24.54
C HIS A 105 -5.07 -16.99 24.09
N GLY A 106 -5.80 -17.24 23.00
CA GLY A 106 -6.70 -16.24 22.37
C GLY A 106 -5.98 -15.39 21.34
N HIS A 107 -4.73 -14.98 21.61
CA HIS A 107 -3.92 -14.09 20.71
C HIS A 107 -3.43 -14.83 19.45
N MET A 108 -3.78 -14.35 18.26
CA MET A 108 -3.17 -14.85 16.99
C MET A 108 -1.82 -14.15 16.80
N CYS A 109 -0.79 -14.92 16.50
CA CYS A 109 0.58 -14.42 16.26
C CYS A 109 1.05 -14.87 14.88
N ILE A 110 1.63 -13.98 14.13
CA ILE A 110 2.12 -14.27 12.77
C ILE A 110 3.53 -13.80 12.70
N ALA A 111 4.48 -14.68 12.47
CA ALA A 111 5.90 -14.27 12.38
C ALA A 111 6.25 -14.08 10.90
N PHE A 112 7.03 -13.05 10.62
CA PHE A 112 7.63 -12.79 9.31
C PHE A 112 9.12 -12.49 9.39
N GLU A 113 9.80 -12.67 8.28
CA GLU A 113 11.21 -12.23 8.05
C GLU A 113 11.32 -10.74 8.43
N LEU A 114 12.21 -10.37 9.36
CA LEU A 114 12.55 -8.93 9.58
C LEU A 114 12.92 -8.28 8.25
N LEU A 115 12.39 -7.07 7.98
CA LEU A 115 12.69 -6.22 6.81
C LEU A 115 13.12 -4.86 7.33
N GLY A 116 13.60 -3.94 6.49
CA GLY A 116 14.07 -2.61 6.93
C GLY A 116 12.96 -1.56 6.93
N LYS A 117 13.34 -0.29 6.77
CA LYS A 117 12.40 0.85 6.82
C LYS A 117 11.39 0.76 5.66
N ASN A 118 10.24 1.42 5.83
CA ASN A 118 9.20 1.53 4.79
C ASN A 118 9.52 2.75 3.96
N THR A 119 8.96 2.78 2.78
CA THR A 119 9.40 3.71 1.75
C THR A 119 8.88 5.06 2.17
N PHE A 120 7.90 5.11 3.11
CA PHE A 120 7.50 6.40 3.76
C PHE A 120 8.57 6.88 4.75
N GLU A 121 8.96 6.06 5.75
CA GLU A 121 9.95 6.41 6.81
C GLU A 121 11.21 7.02 6.14
N PHE A 122 11.76 6.29 5.17
CA PHE A 122 12.95 6.68 4.39
C PHE A 122 12.77 8.07 3.80
N LEU A 123 11.62 8.30 3.19
CA LEU A 123 11.36 9.52 2.38
C LEU A 123 11.38 10.69 3.33
N LYS A 124 10.73 10.54 4.47
CA LYS A 124 10.63 11.63 5.47
C LYS A 124 11.98 11.78 6.19
N GLU A 125 12.73 10.71 6.36
CA GLU A 125 14.10 10.80 6.94
C GLU A 125 15.04 11.50 5.96
N ASN A 126 14.59 11.69 4.74
CA ASN A 126 15.34 12.41 3.70
C ASN A 126 14.64 13.72 3.38
N ASN A 127 13.91 14.24 4.32
CA ASN A 127 13.38 15.61 4.22
C ASN A 127 12.43 15.69 3.00
N PHE A 128 11.77 14.58 2.64
CA PHE A 128 10.67 14.56 1.63
C PHE A 128 11.20 14.95 0.27
N GLN A 129 12.50 14.75 0.02
CA GLN A 129 13.08 14.85 -1.34
C GLN A 129 12.84 13.52 -2.04
N PRO A 130 12.57 13.53 -3.35
CA PRO A 130 12.09 12.34 -4.03
C PRO A 130 13.25 11.43 -4.47
N TYR A 131 12.92 10.15 -4.51
CA TYR A 131 13.70 9.07 -5.11
C TYR A 131 14.08 9.49 -6.53
N PRO A 132 15.37 9.35 -6.89
CA PRO A 132 15.76 9.36 -8.30
C PRO A 132 14.78 8.56 -9.17
N LEU A 133 14.72 8.83 -10.47
CA LEU A 133 13.77 8.13 -11.34
C LEU A 133 14.23 6.68 -11.59
N PRO A 134 15.54 6.41 -11.64
CA PRO A 134 15.97 5.01 -11.76
C PRO A 134 15.35 4.15 -10.63
N HIS A 135 15.37 4.68 -9.40
CA HIS A 135 14.81 4.06 -8.18
C HIS A 135 13.30 3.92 -8.33
N VAL A 136 12.60 5.01 -8.66
CA VAL A 136 11.16 5.03 -9.01
C VAL A 136 10.84 3.90 -10.01
N ARG A 137 11.68 3.74 -11.02
CA ARG A 137 11.43 2.71 -12.05
C ARG A 137 11.55 1.33 -11.38
N HIS A 138 12.65 1.09 -10.64
CA HIS A 138 12.85 -0.27 -10.07
C HIS A 138 11.75 -0.60 -9.08
N MET A 139 11.22 0.37 -8.38
CA MET A 139 10.24 0.06 -7.34
C MET A 139 8.88 -0.16 -8.00
N ALA A 140 8.51 0.74 -8.90
CA ALA A 140 7.32 0.57 -9.77
C ALA A 140 7.33 -0.85 -10.35
N TYR A 141 8.48 -1.34 -10.79
CA TYR A 141 8.57 -2.67 -11.43
C TYR A 141 8.26 -3.76 -10.40
N GLN A 142 8.95 -3.71 -9.26
CA GLN A 142 8.69 -4.66 -8.15
C GLN A 142 7.19 -4.63 -7.84
N LEU A 143 6.65 -3.45 -7.56
CA LEU A 143 5.21 -3.30 -7.23
C LEU A 143 4.34 -3.95 -8.32
N CYS A 144 4.58 -3.63 -9.59
CA CYS A 144 3.76 -4.19 -10.69
C CYS A 144 3.92 -5.70 -10.70
N HIS A 145 5.11 -6.19 -10.40
CA HIS A 145 5.43 -7.62 -10.49
C HIS A 145 4.64 -8.36 -9.40
N ALA A 146 4.59 -7.79 -8.21
CA ALA A 146 4.09 -8.46 -6.99
C ALA A 146 2.56 -8.58 -7.04
N LEU A 147 1.89 -7.46 -7.27
CA LEU A 147 0.41 -7.38 -7.32
C LEU A 147 -0.16 -8.12 -8.57
N ARG A 148 0.53 -8.13 -9.69
CA ARG A 148 0.12 -8.99 -10.82
C ARG A 148 0.03 -10.41 -10.31
N PHE A 149 1.06 -10.87 -9.64
CA PHE A 149 1.07 -12.20 -8.99
C PHE A 149 -0.21 -12.34 -8.14
N LEU A 150 -0.40 -11.41 -7.22
CA LEU A 150 -1.57 -11.39 -6.33
C LEU A 150 -2.88 -11.37 -7.14
N HIS A 151 -2.94 -10.68 -8.28
CA HIS A 151 -4.20 -10.48 -9.04
C HIS A 151 -4.59 -11.72 -9.84
N GLU A 152 -3.61 -12.51 -10.28
CA GLU A 152 -3.84 -13.82 -10.94
C GLU A 152 -4.06 -14.89 -9.86
N ASN A 153 -4.55 -14.52 -8.71
CA ASN A 153 -4.82 -15.44 -7.59
C ASN A 153 -6.07 -14.96 -6.87
N GLN A 154 -6.95 -14.28 -7.60
CA GLN A 154 -8.31 -13.88 -7.18
C GLN A 154 -8.19 -13.07 -5.87
N LEU A 155 -7.12 -12.29 -5.75
CA LEU A 155 -6.88 -11.44 -4.56
C LEU A 155 -6.67 -9.97 -4.94
N THR A 156 -7.04 -9.07 -4.01
CA THR A 156 -6.84 -7.60 -4.09
C THR A 156 -6.36 -7.12 -2.72
N HIS A 157 -5.38 -6.23 -2.66
CA HIS A 157 -4.67 -5.95 -1.39
C HIS A 157 -5.50 -4.90 -0.61
N THR A 158 -5.85 -3.79 -1.29
CA THR A 158 -6.84 -2.76 -0.89
C THR A 158 -6.22 -1.69 -0.01
N ASP A 159 -4.99 -1.81 0.39
CA ASP A 159 -4.41 -0.87 1.37
C ASP A 159 -2.91 -0.67 1.05
N LEU A 160 -2.61 -0.44 -0.21
CA LEU A 160 -1.25 -0.16 -0.65
C LEU A 160 -0.91 1.29 -0.29
N LYS A 161 0.26 1.55 0.25
CA LYS A 161 0.79 2.91 0.49
C LYS A 161 2.26 2.82 0.88
N PRO A 162 2.96 3.95 0.88
CA PRO A 162 4.40 3.90 1.15
C PRO A 162 4.77 3.18 2.44
N GLU A 163 3.94 3.29 3.47
CA GLU A 163 4.13 2.67 4.81
C GLU A 163 4.16 1.15 4.62
N ASN A 164 3.36 0.61 3.70
CA ASN A 164 3.20 -0.86 3.51
C ASN A 164 4.25 -1.41 2.50
N ILE A 165 5.29 -0.65 2.17
CA ILE A 165 6.38 -1.14 1.30
C ILE A 165 7.72 -0.90 2.02
N LEU A 166 8.40 -1.98 2.35
CA LEU A 166 9.64 -1.94 3.17
C LEU A 166 10.79 -2.37 2.30
N PHE A 167 11.91 -1.65 2.44
CA PHE A 167 13.24 -2.05 1.91
C PHE A 167 13.65 -3.34 2.60
N VAL A 168 14.14 -4.30 1.83
CA VAL A 168 14.85 -5.45 2.38
C VAL A 168 15.87 -4.88 3.33
N ASN A 169 16.56 -3.84 2.88
CA ASN A 169 17.76 -3.27 3.53
C ASN A 169 17.84 -1.81 3.17
N SER A 170 17.42 -0.96 4.10
CA SER A 170 17.35 0.52 3.93
C SER A 170 18.72 1.23 4.17
N GLU A 171 19.85 0.50 4.30
CA GLU A 171 21.16 1.19 4.35
C GLU A 171 21.13 2.16 3.16
N PHE A 172 21.59 3.42 3.42
CA PHE A 172 21.58 4.60 2.50
C PHE A 172 23.01 5.06 2.26
N GLU A 173 23.28 5.77 1.16
CA GLU A 173 24.53 6.58 0.98
C GLU A 173 24.20 8.09 1.11
N THR A 174 25.22 8.93 1.14
CA THR A 174 25.11 10.40 1.33
C THR A 174 25.61 11.10 0.03
N LEU A 175 25.12 12.32 -0.26
CA LEU A 175 25.16 12.99 -1.61
C LEU A 175 25.34 14.52 -1.46
N GLU A 184 21.00 15.01 1.61
CA GLU A 184 20.37 14.21 0.53
C GLU A 184 20.88 12.77 0.61
N LYS A 185 19.97 11.77 0.65
CA LYS A 185 20.30 10.33 0.90
C LYS A 185 19.76 9.47 -0.26
N SER A 186 20.50 8.41 -0.58
CA SER A 186 20.04 7.36 -1.50
C SER A 186 20.18 6.01 -0.81
N VAL A 187 19.11 5.19 -0.94
CA VAL A 187 19.07 3.74 -0.57
C VAL A 187 20.07 2.99 -1.51
N LYS A 188 21.09 2.34 -0.91
CA LYS A 188 22.02 1.44 -1.62
C LYS A 188 21.19 0.42 -2.42
N ASN A 189 20.18 -0.24 -1.80
CA ASN A 189 19.43 -1.36 -2.41
C ASN A 189 17.94 -1.02 -2.51
N THR A 190 17.44 -0.97 -3.72
CA THR A 190 16.03 -0.63 -4.08
C THR A 190 15.09 -1.86 -4.00
N SER A 191 15.49 -3.02 -3.44
CA SER A 191 14.60 -4.19 -3.20
C SER A 191 13.59 -3.88 -2.08
N ILE A 192 12.34 -4.15 -2.37
CA ILE A 192 11.20 -3.89 -1.47
C ILE A 192 10.34 -5.14 -1.35
N ARG A 193 9.64 -5.26 -0.23
CA ARG A 193 8.57 -6.24 0.00
C ARG A 193 7.23 -5.54 0.14
N VAL A 194 6.15 -6.16 -0.33
CA VAL A 194 4.81 -5.71 0.09
C VAL A 194 4.38 -6.42 1.34
N VAL A 195 3.59 -5.73 2.07
CA VAL A 195 3.36 -6.03 3.50
C VAL A 195 1.91 -5.66 3.81
N ASP A 196 1.42 -6.22 4.94
CA ASP A 196 0.13 -5.94 5.61
C ASP A 196 -1.03 -6.39 4.71
N PHE A 197 -1.26 -7.69 4.71
CA PHE A 197 -2.35 -8.39 3.99
C PHE A 197 -3.59 -8.48 4.90
N GLY A 198 -3.63 -7.65 5.95
CA GLY A 198 -4.75 -7.57 6.88
C GLY A 198 -6.03 -7.07 6.22
N SER A 199 -5.97 -6.44 5.08
CA SER A 199 -7.19 -5.92 4.42
C SER A 199 -7.51 -6.74 3.18
N ALA A 200 -6.67 -7.69 2.80
CA ALA A 200 -6.78 -8.29 1.45
C ALA A 200 -7.99 -9.20 1.38
N THR A 201 -8.70 -9.09 0.27
CA THR A 201 -10.00 -9.73 0.00
C THR A 201 -9.82 -10.63 -1.22
N PHE A 202 -10.39 -11.84 -1.13
CA PHE A 202 -10.56 -12.77 -2.26
C PHE A 202 -11.75 -12.28 -3.04
N ASP A 203 -11.71 -12.53 -4.35
CA ASP A 203 -12.76 -12.19 -5.33
C ASP A 203 -14.13 -12.68 -4.84
N HIS A 204 -14.21 -13.86 -4.20
CA HIS A 204 -15.50 -14.47 -3.80
C HIS A 204 -15.97 -13.98 -2.43
N GLU A 205 -15.34 -13.03 -1.77
CA GLU A 205 -15.80 -12.80 -0.38
C GLU A 205 -16.22 -11.35 -0.12
N HIS A 206 -16.84 -11.13 1.04
CA HIS A 206 -17.51 -9.85 1.36
C HIS A 206 -16.47 -8.76 1.11
N HIS A 207 -16.77 -7.91 0.15
CA HIS A 207 -16.07 -6.64 -0.08
C HIS A 207 -16.61 -5.64 0.92
N THR A 208 -15.77 -5.28 1.88
CA THR A 208 -15.90 -4.04 2.66
C THR A 208 -16.09 -2.96 1.64
N THR A 209 -16.84 -1.93 1.98
CA THR A 209 -17.25 -0.88 1.04
C THR A 209 -16.13 0.16 0.87
N ILE A 210 -15.91 1.00 1.87
CA ILE A 210 -14.79 1.95 1.95
C ILE A 210 -13.51 1.18 2.31
N VAL A 211 -12.44 1.42 1.59
CA VAL A 211 -11.29 0.49 1.59
C VAL A 211 -10.12 1.37 1.15
N ALA A 212 -8.88 1.01 1.45
CA ALA A 212 -7.69 1.88 1.16
C ALA A 212 -7.65 3.12 2.05
N THR A 213 -6.46 3.67 2.31
CA THR A 213 -6.32 4.93 3.08
C THR A 213 -6.52 6.09 2.10
N ARG A 214 -7.02 7.22 2.60
CA ARG A 214 -7.66 8.35 1.87
C ARG A 214 -6.92 8.63 0.56
N HIS A 215 -5.65 8.93 0.66
CA HIS A 215 -4.81 9.47 -0.42
C HIS A 215 -4.76 8.47 -1.58
N TYR A 216 -4.85 7.17 -1.24
CA TYR A 216 -4.50 6.03 -2.17
C TYR A 216 -5.81 5.40 -2.63
N ARG A 217 -6.91 6.06 -2.31
CA ARG A 217 -8.29 5.57 -2.50
C ARG A 217 -8.77 5.95 -3.92
N PRO A 218 -9.28 4.99 -4.71
CA PRO A 218 -9.82 5.30 -6.02
C PRO A 218 -11.29 5.76 -6.05
N PRO A 219 -11.68 6.33 -7.19
CA PRO A 219 -13.00 6.95 -7.35
C PRO A 219 -14.19 5.99 -7.22
N GLU A 220 -14.09 4.84 -7.85
CA GLU A 220 -15.18 3.82 -7.81
C GLU A 220 -15.46 3.42 -6.37
N VAL A 221 -14.48 3.50 -5.46
CA VAL A 221 -14.74 3.29 -4.01
C VAL A 221 -15.48 4.47 -3.39
N ILE A 222 -15.00 5.68 -3.63
CA ILE A 222 -15.67 6.90 -3.14
C ILE A 222 -17.10 6.93 -3.65
N LEU A 223 -17.33 6.54 -4.91
CA LEU A 223 -18.68 6.56 -5.55
C LEU A 223 -19.44 5.28 -5.23
N GLU A 224 -18.80 4.33 -4.55
CA GLU A 224 -19.52 3.17 -3.98
C GLU A 224 -20.11 2.40 -5.17
N LEU A 225 -19.28 2.09 -6.14
CA LEU A 225 -19.72 1.52 -7.42
C LEU A 225 -19.18 0.09 -7.59
N GLY A 226 -18.82 -0.59 -6.50
CA GLY A 226 -17.98 -1.81 -6.55
C GLY A 226 -16.49 -1.53 -6.81
N TRP A 227 -15.63 -2.41 -6.30
CA TRP A 227 -14.17 -2.38 -6.58
C TRP A 227 -13.62 -3.80 -6.72
N ALA A 228 -12.51 -3.96 -7.41
CA ALA A 228 -11.78 -5.24 -7.43
C ALA A 228 -10.31 -4.88 -7.66
N GLN A 229 -9.57 -5.65 -8.48
CA GLN A 229 -8.10 -5.50 -8.59
C GLN A 229 -7.78 -4.05 -9.04
N PRO A 230 -8.60 -3.41 -9.89
CA PRO A 230 -8.23 -2.11 -10.39
C PRO A 230 -8.03 -1.17 -9.21
N CYS A 231 -8.64 -1.45 -8.07
CA CYS A 231 -8.38 -0.62 -6.85
C CYS A 231 -6.84 -0.43 -6.57
N ASP A 232 -6.02 -1.46 -6.72
CA ASP A 232 -4.64 -1.51 -6.23
C ASP A 232 -3.76 -0.76 -7.23
N VAL A 233 -4.15 -0.86 -8.50
CA VAL A 233 -3.44 -0.18 -9.61
C VAL A 233 -3.50 1.32 -9.40
N TRP A 234 -4.66 1.83 -9.03
CA TRP A 234 -4.77 3.28 -8.71
C TRP A 234 -3.84 3.57 -7.52
N SER A 235 -4.00 2.81 -6.45
CA SER A 235 -3.10 2.98 -5.29
C SER A 235 -1.64 3.14 -5.82
N ILE A 236 -1.23 2.29 -6.77
CA ILE A 236 0.17 2.25 -7.20
C ILE A 236 0.51 3.55 -7.96
N GLY A 237 -0.39 3.95 -8.86
CA GLY A 237 -0.28 5.23 -9.60
C GLY A 237 -0.07 6.35 -8.63
N CYS A 238 -0.83 6.39 -7.55
CA CYS A 238 -0.71 7.42 -6.49
C CYS A 238 0.65 7.31 -5.80
N ILE A 239 1.10 6.08 -5.57
CA ILE A 239 2.33 5.89 -4.76
C ILE A 239 3.54 6.34 -5.60
N LEU A 240 3.49 6.11 -6.91
CA LEU A 240 4.62 6.43 -7.81
C LEU A 240 4.72 7.94 -7.91
N PHE A 241 3.58 8.61 -8.00
CA PHE A 241 3.59 10.08 -8.07
C PHE A 241 4.38 10.57 -6.84
N GLU A 242 4.14 9.90 -5.71
CA GLU A 242 4.64 10.28 -4.37
C GLU A 242 6.15 9.95 -4.33
N TYR A 243 6.56 8.82 -4.92
CA TYR A 243 7.99 8.43 -4.99
C TYR A 243 8.70 9.47 -5.86
N TYR A 244 7.98 9.94 -6.89
CA TYR A 244 8.64 10.82 -7.91
C TYR A 244 8.69 12.26 -7.41
N ARG A 245 7.72 12.77 -6.67
CA ARG A 245 7.74 14.23 -6.30
C ARG A 245 8.17 14.38 -4.81
N GLY A 246 7.94 13.34 -4.01
CA GLY A 246 8.14 13.34 -2.56
C GLY A 246 6.89 13.78 -1.81
N PHE A 247 5.81 14.21 -2.47
CA PHE A 247 4.56 14.67 -1.79
C PHE A 247 3.33 14.04 -2.46
N THR A 248 2.24 13.82 -1.68
CA THR A 248 1.01 13.09 -2.12
C THR A 248 0.31 13.81 -3.29
N LEU A 249 -0.33 13.04 -4.16
CA LEU A 249 -1.09 13.55 -5.33
C LEU A 249 -2.32 14.26 -4.81
N PHE A 250 -3.02 13.63 -3.90
CA PHE A 250 -4.37 14.01 -3.41
C PHE A 250 -4.28 14.35 -1.97
N GLN A 251 -3.87 15.58 -1.65
CA GLN A 251 -3.68 16.03 -0.26
C GLN A 251 -5.03 16.61 0.19
N THR A 252 -5.98 15.75 0.53
CA THR A 252 -7.33 16.14 1.05
C THR A 252 -7.81 15.09 2.05
N HIS A 253 -8.91 15.39 2.74
CA HIS A 253 -9.55 14.49 3.72
C HIS A 253 -11.09 14.55 3.62
N GLU A 254 -11.63 14.97 2.48
CA GLU A 254 -13.10 15.08 2.27
C GLU A 254 -13.44 14.60 0.85
N ASN A 255 -14.52 13.84 0.67
CA ASN A 255 -14.86 13.11 -0.60
C ASN A 255 -15.11 14.10 -1.76
N ARG A 256 -15.79 15.22 -1.49
CA ARG A 256 -16.16 16.15 -2.57
C ARG A 256 -14.93 16.86 -3.14
N GLU A 257 -14.03 17.34 -2.28
CA GLU A 257 -12.81 18.04 -2.71
C GLU A 257 -11.95 17.05 -3.53
N HIS A 258 -11.83 15.84 -3.04
CA HIS A 258 -11.01 14.75 -3.62
C HIS A 258 -11.45 14.51 -5.05
N LEU A 259 -12.76 14.42 -5.28
CA LEU A 259 -13.33 14.19 -6.65
C LEU A 259 -13.04 15.39 -7.55
N VAL A 260 -13.04 16.60 -6.97
CA VAL A 260 -12.73 17.85 -7.71
C VAL A 260 -11.24 17.91 -8.09
N MET A 261 -10.34 17.65 -7.16
CA MET A 261 -8.88 17.54 -7.42
C MET A 261 -8.63 16.55 -8.57
N MET A 262 -9.22 15.35 -8.50
CA MET A 262 -9.09 14.32 -9.55
C MET A 262 -9.45 14.93 -10.91
N GLU A 263 -10.57 15.65 -11.01
CA GLU A 263 -11.12 16.17 -12.29
C GLU A 263 -10.16 17.23 -12.85
N LYS A 264 -9.49 17.94 -11.92
CA LYS A 264 -8.60 19.11 -12.21
C LYS A 264 -7.24 18.55 -12.54
N ILE A 265 -6.85 17.46 -11.91
CA ILE A 265 -5.54 16.85 -12.21
C ILE A 265 -5.68 15.96 -13.44
N LEU A 266 -6.83 15.30 -13.58
CA LEU A 266 -6.95 14.08 -14.42
C LEU A 266 -7.89 14.30 -15.58
N GLY A 267 -9.05 14.90 -15.36
CA GLY A 267 -9.98 15.24 -16.46
C GLY A 267 -11.40 15.03 -15.98
N PRO A 268 -12.42 15.12 -16.86
CA PRO A 268 -13.80 14.94 -16.44
C PRO A 268 -14.12 13.48 -16.14
N ILE A 269 -14.67 13.23 -14.96
CA ILE A 269 -15.32 11.95 -14.61
C ILE A 269 -16.24 11.55 -15.77
N PRO A 270 -16.11 10.30 -16.24
CA PRO A 270 -17.05 9.67 -17.13
C PRO A 270 -18.46 9.76 -16.59
N SER A 271 -19.42 10.08 -17.44
CA SER A 271 -20.77 10.49 -17.03
C SER A 271 -21.54 9.25 -16.58
N HIS A 272 -21.13 8.07 -17.08
CA HIS A 272 -21.78 6.77 -16.73
C HIS A 272 -21.52 6.48 -15.26
N MET A 273 -20.32 6.81 -14.77
CA MET A 273 -19.92 6.65 -13.33
C MET A 273 -20.73 7.65 -12.50
N ILE A 274 -21.11 8.77 -13.08
CA ILE A 274 -22.00 9.73 -12.36
C ILE A 274 -23.46 9.22 -12.37
N HIS A 275 -23.96 8.78 -13.54
N HIS A 275 -23.97 8.79 -13.52
CA HIS A 275 -25.32 8.24 -13.72
CA HIS A 275 -25.35 8.27 -13.61
C HIS A 275 -25.58 7.20 -12.60
C HIS A 275 -25.58 7.23 -12.51
N ARG A 276 -24.53 6.47 -12.16
CA ARG A 276 -24.65 5.17 -11.42
C ARG A 276 -24.48 5.29 -9.89
N THR A 277 -23.79 6.32 -9.40
CA THR A 277 -23.34 6.45 -7.97
C THR A 277 -24.50 6.82 -7.07
N ARG A 278 -24.64 6.17 -5.94
CA ARG A 278 -25.71 6.52 -4.98
C ARG A 278 -25.33 7.86 -4.35
N LYS A 279 -24.08 8.32 -4.54
CA LYS A 279 -23.52 9.60 -3.98
C LYS A 279 -23.99 10.82 -4.81
N GLN A 280 -25.29 11.03 -4.98
CA GLN A 280 -25.80 12.09 -5.87
C GLN A 280 -25.48 13.46 -5.24
N LYS A 281 -25.51 13.53 -3.92
CA LYS A 281 -25.31 14.76 -3.10
C LYS A 281 -24.17 15.61 -3.65
N TYR A 282 -23.12 15.00 -4.19
CA TYR A 282 -21.91 15.72 -4.64
C TYR A 282 -22.11 16.31 -6.04
N PHE A 283 -23.25 16.05 -6.70
CA PHE A 283 -23.48 16.43 -8.14
C PHE A 283 -24.74 17.26 -8.30
N TYR A 284 -24.66 18.24 -9.15
CA TYR A 284 -25.85 18.94 -9.70
C TYR A 284 -25.79 19.00 -11.21
N LYS A 285 -26.92 18.59 -11.85
CA LYS A 285 -27.12 18.41 -13.30
C LYS A 285 -25.82 17.87 -13.94
N GLY A 286 -25.19 16.83 -13.35
CA GLY A 286 -24.06 16.10 -13.97
C GLY A 286 -22.67 16.65 -13.63
N GLY A 287 -22.58 17.88 -13.10
CA GLY A 287 -21.37 18.54 -12.57
C GLY A 287 -21.20 18.35 -11.07
N LEU A 288 -19.95 18.21 -10.63
CA LEU A 288 -19.59 18.26 -9.20
C LEU A 288 -19.96 19.62 -8.63
N VAL A 289 -20.44 19.65 -7.39
CA VAL A 289 -20.68 20.93 -6.66
C VAL A 289 -19.34 21.45 -6.13
N TRP A 290 -18.85 22.56 -6.68
CA TRP A 290 -17.56 23.16 -6.25
C TRP A 290 -17.64 24.67 -6.29
N ASP A 291 -17.29 25.37 -5.19
CA ASP A 291 -17.13 26.85 -5.20
C ASP A 291 -15.69 27.21 -5.57
N GLU A 292 -15.43 27.52 -6.85
CA GLU A 292 -14.10 27.96 -7.37
C GLU A 292 -13.65 29.21 -6.58
N ASN A 293 -14.54 30.19 -6.36
CA ASN A 293 -14.23 31.49 -5.69
C ASN A 293 -14.62 31.40 -4.21
N SER A 294 -13.85 30.68 -3.39
CA SER A 294 -14.14 30.44 -1.96
C SER A 294 -12.90 29.84 -1.33
N SER A 295 -12.65 30.05 -0.03
CA SER A 295 -11.36 29.68 0.60
C SER A 295 -10.80 28.43 -0.10
N ASP A 296 -11.49 27.29 0.00
CA ASP A 296 -10.95 25.99 -0.47
C ASP A 296 -10.69 26.05 -1.98
N GLY A 297 -11.46 26.87 -2.70
CA GLY A 297 -11.26 27.10 -4.15
C GLY A 297 -9.87 27.63 -4.48
N ARG A 298 -9.54 28.83 -4.01
CA ARG A 298 -8.24 29.53 -4.28
C ARG A 298 -7.10 28.50 -4.17
N TYR A 299 -7.15 27.68 -3.12
CA TYR A 299 -6.15 26.66 -2.76
C TYR A 299 -6.03 25.59 -3.87
N VAL A 300 -7.14 24.91 -4.23
CA VAL A 300 -7.18 23.82 -5.25
C VAL A 300 -6.86 24.37 -6.65
N LYS A 301 -7.35 25.59 -6.97
CA LYS A 301 -7.00 26.38 -8.22
C LYS A 301 -5.47 26.55 -8.29
N GLU A 302 -4.87 27.13 -7.26
CA GLU A 302 -3.41 27.25 -7.20
C GLU A 302 -2.77 25.88 -7.39
N ASN A 303 -3.18 24.85 -6.64
CA ASN A 303 -2.33 23.67 -6.32
C ASN A 303 -2.61 22.44 -7.21
N CYS A 304 -3.85 22.24 -7.65
CA CYS A 304 -4.25 21.05 -8.42
C CYS A 304 -4.20 21.33 -9.92
N LYS A 305 -3.22 20.76 -10.59
CA LYS A 305 -2.88 21.01 -12.00
C LYS A 305 -2.85 19.69 -12.77
N PRO A 306 -2.94 19.76 -14.13
CA PRO A 306 -2.99 18.59 -14.96
C PRO A 306 -1.76 17.75 -14.65
N LEU A 307 -1.91 16.44 -14.76
CA LEU A 307 -0.86 15.51 -14.31
C LEU A 307 0.50 15.89 -14.97
N LYS A 308 0.55 16.08 -16.31
CA LYS A 308 1.80 16.36 -17.09
C LYS A 308 2.54 17.62 -16.53
N SER A 309 1.84 18.59 -15.94
CA SER A 309 2.50 19.78 -15.30
C SER A 309 3.55 19.37 -14.22
N TYR A 310 3.45 18.23 -13.54
CA TYR A 310 4.32 17.87 -12.36
C TYR A 310 5.65 17.26 -12.83
N MET A 311 5.80 17.02 -14.13
CA MET A 311 7.05 16.50 -14.71
C MET A 311 8.17 17.46 -14.36
N LEU A 312 9.29 16.91 -13.87
CA LEU A 312 10.41 17.67 -13.34
C LEU A 312 11.50 17.82 -14.41
N GLN A 313 11.43 16.96 -15.46
CA GLN A 313 12.23 17.05 -16.71
C GLN A 313 11.36 16.61 -17.91
N ASP A 314 11.83 17.00 -19.09
CA ASP A 314 11.19 16.86 -20.41
C ASP A 314 11.52 15.51 -21.06
N SER A 315 12.64 14.85 -20.64
CA SER A 315 13.25 13.70 -21.36
C SER A 315 12.29 12.52 -21.38
N LEU A 316 12.72 11.44 -22.04
CA LEU A 316 11.86 10.31 -22.43
C LEU A 316 11.48 9.53 -21.17
N GLU A 317 12.47 8.99 -20.43
CA GLU A 317 12.22 8.22 -19.20
C GLU A 317 11.01 8.82 -18.50
N HIS A 318 10.95 10.14 -18.36
CA HIS A 318 9.97 10.89 -17.53
C HIS A 318 8.60 10.86 -18.14
N VAL A 319 8.53 11.16 -19.43
CA VAL A 319 7.31 11.07 -20.29
C VAL A 319 6.77 9.63 -20.23
N GLN A 320 7.65 8.63 -20.43
CA GLN A 320 7.34 7.19 -20.27
C GLN A 320 6.77 6.95 -18.87
N LEU A 321 7.24 7.64 -17.84
CA LEU A 321 6.75 7.40 -16.45
C LEU A 321 5.30 7.86 -16.41
N PHE A 322 5.06 9.10 -16.90
CA PHE A 322 3.81 9.85 -16.74
C PHE A 322 2.68 9.17 -17.51
N ASP A 323 3.03 8.49 -18.59
CA ASP A 323 2.04 7.76 -19.38
C ASP A 323 1.58 6.56 -18.56
N LEU A 324 2.50 5.88 -17.90
CA LEU A 324 2.12 4.74 -17.03
C LEU A 324 1.26 5.32 -15.92
N MET A 325 1.71 6.33 -15.18
CA MET A 325 0.93 6.86 -14.05
C MET A 325 -0.51 7.19 -14.48
N ARG A 326 -0.69 7.82 -15.65
CA ARG A 326 -2.01 8.25 -16.15
C ARG A 326 -2.87 7.03 -16.43
N ARG A 327 -2.28 6.02 -17.04
CA ARG A 327 -2.95 4.74 -17.32
C ARG A 327 -3.37 4.03 -16.05
N MET A 328 -2.57 4.15 -14.99
CA MET A 328 -2.81 3.57 -13.67
C MET A 328 -3.91 4.36 -13.00
N LEU A 329 -4.08 5.61 -13.41
CA LEU A 329 -5.03 6.58 -12.85
C LEU A 329 -6.21 6.86 -13.81
N GLU A 330 -6.66 5.87 -14.57
CA GLU A 330 -7.94 5.95 -15.30
C GLU A 330 -9.13 5.95 -14.32
N PHE A 331 -10.05 6.89 -14.49
CA PHE A 331 -11.32 6.94 -13.75
C PHE A 331 -12.06 5.62 -13.86
N ASP A 332 -12.42 5.22 -15.07
CA ASP A 332 -13.21 3.96 -15.26
C ASP A 332 -12.30 2.78 -14.93
N PRO A 333 -12.58 2.01 -13.84
CA PRO A 333 -11.76 0.88 -13.41
C PRO A 333 -11.68 -0.19 -14.50
N ALA A 334 -12.72 -0.23 -15.31
CA ALA A 334 -12.83 -1.12 -16.48
C ALA A 334 -11.82 -0.68 -17.56
N GLN A 335 -11.34 0.55 -17.53
CA GLN A 335 -10.46 1.14 -18.56
C GLN A 335 -9.02 1.10 -18.09
N ARG A 336 -8.82 1.11 -16.80
CA ARG A 336 -7.48 1.31 -16.20
C ARG A 336 -6.52 0.21 -16.67
N ILE A 337 -5.24 0.53 -16.70
CA ILE A 337 -4.24 -0.50 -17.10
C ILE A 337 -4.25 -1.67 -16.09
N THR A 338 -4.12 -2.89 -16.57
CA THR A 338 -3.75 -4.07 -15.75
C THR A 338 -2.23 -4.09 -15.52
N LEU A 339 -1.82 -4.78 -14.48
CA LEU A 339 -0.40 -4.81 -14.09
C LEU A 339 0.35 -5.71 -15.06
N ALA A 340 -0.30 -6.73 -15.62
CA ALA A 340 0.25 -7.58 -16.72
C ALA A 340 0.61 -6.69 -17.92
N GLU A 341 -0.28 -5.74 -18.24
CA GLU A 341 -0.06 -4.69 -19.24
C GLU A 341 1.12 -3.87 -18.75
N ALA A 342 1.06 -3.37 -17.53
CA ALA A 342 2.09 -2.45 -16.98
C ALA A 342 3.49 -3.06 -17.20
N LEU A 343 3.62 -4.36 -17.02
CA LEU A 343 4.93 -5.07 -17.06
C LEU A 343 5.55 -4.95 -18.44
N LEU A 344 4.74 -4.71 -19.48
CA LEU A 344 5.18 -4.64 -20.88
C LEU A 344 5.46 -3.20 -21.26
N HIS A 345 5.21 -2.23 -20.37
CA HIS A 345 5.23 -0.77 -20.68
C HIS A 345 6.63 -0.31 -20.99
N PRO A 346 6.80 0.61 -21.93
CA PRO A 346 8.13 0.98 -22.40
C PRO A 346 8.92 1.79 -21.36
N PHE A 347 8.26 2.20 -20.27
CA PHE A 347 8.94 2.69 -19.05
C PHE A 347 9.88 1.60 -18.52
N PHE A 348 9.53 0.35 -18.65
CA PHE A 348 10.29 -0.78 -18.09
C PHE A 348 11.26 -1.38 -19.12
N ALA A 349 11.52 -0.72 -20.25
CA ALA A 349 12.62 -1.03 -21.19
C ALA A 349 13.91 -0.44 -20.63
N GLY A 350 13.77 0.63 -19.81
CA GLY A 350 14.87 1.37 -19.13
C GLY A 350 15.61 0.54 -18.06
N LEU A 351 15.06 -0.63 -17.67
CA LEU A 351 15.59 -1.59 -16.63
C LEU A 351 16.82 -2.38 -17.13
N THR A 352 17.89 -2.35 -16.30
CA THR A 352 19.09 -3.26 -16.29
C THR A 352 18.69 -4.73 -16.44
N PRO A 353 19.61 -5.63 -16.84
CA PRO A 353 19.37 -7.07 -16.71
C PRO A 353 18.99 -7.52 -15.28
N GLU A 354 19.84 -7.21 -14.28
CA GLU A 354 19.67 -7.55 -12.83
C GLU A 354 18.32 -7.02 -12.34
N GLU A 355 18.11 -5.69 -12.39
CA GLU A 355 16.83 -5.04 -11.99
C GLU A 355 15.66 -5.82 -12.60
N ARG A 356 15.84 -6.40 -13.80
CA ARG A 356 14.90 -7.37 -14.43
C ARG A 356 15.05 -8.73 -13.74
CL1 KHC B . 9.53 -5.27 9.67
C15 KHC B . 7.91 -5.78 9.35
C14 KHC B . 7.70 -7.00 8.70
CL KHC B . 9.03 -8.01 8.27
C13 KHC B . 6.41 -7.47 8.48
C12 KHC B . 5.31 -6.72 8.92
C16 KHC B . 6.82 -5.04 9.79
N KHC B . 6.75 -3.88 10.55
C KHC B . 7.92 -3.11 11.00
C11 KHC B . 5.50 -5.52 9.58
C10 KHC B . 4.63 -4.59 10.24
C1 KHC B . 5.42 -3.62 10.82
C8 KHC B . 3.12 -4.57 10.38
C9 KHC B . 2.42 -5.39 9.38
N3 KHC B . 1.80 -6.01 8.65
C3 KHC B . 2.74 -3.08 10.23
N1 KHC B . 3.48 -2.39 11.30
C2 KHC B . 4.76 -2.65 11.64
O KHC B . 5.26 -2.12 12.63
C7 KHC B . 1.24 -2.90 10.51
C6 KHC B . 0.50 -1.81 9.77
N2 KHC B . 1.40 -0.93 8.99
C5 KHC B . 2.26 -1.71 8.11
C4 KHC B . 3.26 -2.53 8.88
K K C . -3.23 12.38 5.57
C1 EDO D . -1.81 10.36 -2.75
O1 EDO D . -2.69 11.32 -3.29
C2 EDO D . -0.68 10.00 -3.64
O2 EDO D . 0.56 10.51 -3.23
#